data_5E5P
#
_entry.id   5E5P
#
_cell.length_a   148.327
_cell.length_b   58.230
_cell.length_c   42.046
_cell.angle_alpha   90.00
_cell.angle_beta   96.08
_cell.angle_gamma   90.00
#
_symmetry.space_group_name_H-M   'C 1 2 1'
#
loop_
_entity.id
_entity.type
_entity.pdbx_description
1 polymer 'I-SmaMI LAGLIDADG meganuclease'
2 non-polymer 2-(2-METHOXYETHOXY)ETHANOL
3 non-polymer 1,2-ETHANEDIOL
4 water water
#
_entity_poly.entity_id   1
_entity_poly.type   'polypeptide(L)'
_entity_poly.pdbx_seq_one_letter_code
;SKGENSKLNPWAVVGFIDAEGSFMVRVRKNSKYKTGWLVVAIFSVTVDKKDLFLLESLKTFFGGLGSIKKSGNSTFSYRI
ESSEQLTKIILPFFDKYSLITEKLGDYLLFKKVLELMGTKEHLTQRGLEKIVSLKASINKGLSEELQAAFPQCVPTPRPE
INNKNIPDPFWLAGFVSGDGSFKSILKKSESIKVGFQSILVFQITQHARDVKLMESLISYLGCGFIEKDSRGPWLYYTVT
NFSDIQGKIIPFFHQYKIIGSKYGDYQDWCKIALIMQNKNHLTPEGLNEIRALKGGMNKGRL
;
_entity_poly.pdbx_strand_id   A
#
loop_
_chem_comp.id
_chem_comp.type
_chem_comp.name
_chem_comp.formula
EDO non-polymer 1,2-ETHANEDIOL 'C2 H6 O2'
PG0 non-polymer 2-(2-METHOXYETHOXY)ETHANOL 'C5 H12 O3'
#
# COMPACT_ATOMS: atom_id res chain seq x y z
N ASN A 5 22.13 1.37 -6.87
CA ASN A 5 22.57 0.31 -5.93
C ASN A 5 21.42 -0.72 -5.74
N SER A 6 20.81 -0.70 -4.53
CA SER A 6 19.42 -1.10 -4.28
C SER A 6 18.65 0.24 -4.01
N LYS A 7 19.03 1.26 -4.83
CA LYS A 7 18.44 2.60 -4.84
C LYS A 7 17.05 2.44 -5.51
N LEU A 8 16.01 2.85 -4.77
CA LEU A 8 14.61 2.60 -5.10
C LEU A 8 14.05 3.37 -6.28
N ASN A 9 13.27 2.71 -7.11
CA ASN A 9 12.49 3.43 -8.14
C ASN A 9 11.51 4.50 -7.60
N PRO A 10 11.52 5.72 -8.19
CA PRO A 10 10.62 6.75 -7.64
C PRO A 10 9.13 6.35 -7.65
N TRP A 11 8.64 5.70 -8.70
CA TRP A 11 7.24 5.26 -8.68
C TRP A 11 6.95 4.13 -7.68
N ALA A 12 7.87 3.22 -7.47
CA ALA A 12 7.78 2.25 -6.38
C ALA A 12 7.59 2.93 -5.01
N VAL A 13 8.34 3.99 -4.79
CA VAL A 13 8.17 4.74 -3.58
C VAL A 13 6.73 5.22 -3.43
N VAL A 14 6.18 5.84 -4.47
CA VAL A 14 4.81 6.39 -4.41
C VAL A 14 3.77 5.27 -4.26
N GLY A 15 3.97 4.18 -5.00
CA GLY A 15 3.15 3.01 -4.76
C GLY A 15 3.16 2.63 -3.28
N PHE A 16 4.36 2.58 -2.69
CA PHE A 16 4.47 2.19 -1.31
C PHE A 16 3.79 3.15 -0.35
N ILE A 17 4.00 4.43 -0.59
CA ILE A 17 3.35 5.48 0.22
C ILE A 17 1.79 5.54 0.10
N ASP A 18 1.25 5.49 -1.11
CA ASP A 18 -0.15 5.20 -1.29
C ASP A 18 -0.68 4.06 -0.41
N ALA A 19 0.02 2.94 -0.37
CA ALA A 19 -0.44 1.84 0.50
C ALA A 19 -0.30 2.09 2.03
N GLU A 20 0.84 2.62 2.45
CA GLU A 20 1.36 2.52 3.80
C GLU A 20 1.91 3.85 4.43
N GLY A 21 2.08 4.92 3.70
CA GLY A 21 2.50 6.15 4.33
C GLY A 21 1.40 6.99 4.97
N SER A 22 1.75 7.69 6.06
CA SER A 22 0.88 8.57 6.80
C SER A 22 1.33 9.98 6.62
N PHE A 23 0.38 10.81 6.17
CA PHE A 23 0.44 12.29 6.26
C PHE A 23 -0.28 12.77 7.55
N MET A 24 0.50 13.03 8.59
CA MET A 24 0.02 13.41 9.93
C MET A 24 0.14 14.91 10.30
N VAL A 25 -0.82 15.41 11.06
CA VAL A 25 -0.71 16.74 11.68
C VAL A 25 -0.94 16.53 13.14
N ARG A 26 0.08 16.75 13.93
CA ARG A 26 0.13 16.51 15.36
C ARG A 26 -0.22 17.85 16.01
N VAL A 27 -1.23 17.89 16.89
CA VAL A 27 -1.69 19.13 17.54
C VAL A 27 -1.82 18.91 19.05
N ARG A 28 -0.77 19.29 19.77
CA ARG A 28 -0.66 19.02 21.18
C ARG A 28 -0.69 20.31 21.99
N LYS A 29 -1.06 20.19 23.26
CA LYS A 29 -1.02 21.33 24.18
C LYS A 29 0.41 21.74 24.46
N ASN A 30 0.67 23.04 24.47
CA ASN A 30 2.00 23.51 24.77
C ASN A 30 1.98 24.94 25.28
N SER A 31 2.34 25.13 26.53
CA SER A 31 2.25 26.43 27.14
C SER A 31 3.19 27.42 26.52
N LYS A 32 4.19 27.01 25.76
CA LYS A 32 5.15 28.00 25.25
C LYS A 32 4.59 28.87 24.07
N TYR A 33 3.38 28.61 23.57
CA TYR A 33 2.82 29.22 22.33
C TYR A 33 1.57 29.97 22.69
N LYS A 34 1.38 31.08 22.01
CA LYS A 34 0.26 31.99 22.26
C LYS A 34 -1.10 31.30 22.29
N THR A 35 -1.35 30.34 21.42
CA THR A 35 -2.68 29.72 21.29
C THR A 35 -2.85 28.60 22.32
N GLY A 36 -1.72 28.19 22.92
CA GLY A 36 -1.62 27.08 23.84
C GLY A 36 -1.45 25.76 23.12
N TRP A 37 -1.16 25.76 21.82
CA TRP A 37 -0.99 24.49 21.08
C TRP A 37 0.29 24.53 20.24
N LEU A 38 0.89 23.37 20.02
CA LEU A 38 1.99 23.23 19.10
C LEU A 38 1.46 22.47 17.92
N VAL A 39 1.74 22.92 16.70
CA VAL A 39 1.42 22.17 15.48
C VAL A 39 2.70 21.61 14.83
N VAL A 40 2.66 20.32 14.50
CA VAL A 40 3.77 19.64 13.81
C VAL A 40 3.22 18.81 12.64
N ALA A 41 3.68 19.11 11.42
CA ALA A 41 3.40 18.30 10.29
C ALA A 41 4.45 17.13 10.22
N ILE A 42 3.93 15.92 10.04
CA ILE A 42 4.73 14.67 10.01
C ILE A 42 4.45 13.75 8.78
N PHE A 43 5.52 13.52 8.03
CA PHE A 43 5.56 12.42 7.11
C PHE A 43 6.18 11.25 7.81
N SER A 44 5.52 10.11 7.74
CA SER A 44 5.86 8.98 8.53
C SER A 44 5.39 7.69 7.91
N VAL A 45 6.18 6.64 8.11
CA VAL A 45 5.95 5.26 7.70
C VAL A 45 6.40 4.33 8.82
N THR A 46 5.63 3.29 9.11
CA THR A 46 5.88 2.38 10.26
C THR A 46 5.77 0.99 9.73
N VAL A 47 6.72 0.17 10.10
CA VAL A 47 6.77 -1.22 9.68
C VAL A 47 7.27 -2.08 10.81
N ASP A 48 7.22 -3.39 10.58
CA ASP A 48 7.79 -4.35 11.52
C ASP A 48 9.32 -4.32 11.30
N LYS A 49 10.07 -4.63 12.38
CA LYS A 49 11.53 -4.73 12.32
C LYS A 49 12.07 -5.47 11.17
N LYS A 50 11.39 -6.47 10.66
CA LYS A 50 11.87 -7.14 9.43
C LYS A 50 11.99 -6.21 8.20
N ASP A 51 11.28 -5.07 8.22
CA ASP A 51 11.39 -4.01 7.20
C ASP A 51 12.19 -2.79 7.56
N LEU A 52 13.17 -2.97 8.44
CA LEU A 52 14.03 -1.89 8.86
C LEU A 52 14.87 -1.46 7.71
N PHE A 53 15.31 -2.42 6.90
CA PHE A 53 16.12 -2.11 5.74
C PHE A 53 15.36 -1.30 4.71
N LEU A 54 14.10 -1.57 4.59
CA LEU A 54 13.28 -0.77 3.72
C LEU A 54 13.19 0.67 4.25
N LEU A 55 13.15 0.87 5.58
CA LEU A 55 13.18 2.24 6.06
C LEU A 55 14.46 2.95 5.76
N GLU A 56 15.57 2.22 5.87
CA GLU A 56 16.89 2.78 5.58
C GLU A 56 16.98 3.20 4.12
N SER A 57 16.41 2.39 3.25
CA SER A 57 16.36 2.72 1.84
C SER A 57 15.63 3.97 1.48
N LEU A 58 14.55 4.16 2.22
CA LEU A 58 13.66 5.22 1.95
C LEU A 58 14.23 6.56 2.40
N LYS A 59 14.70 6.59 3.63
CA LYS A 59 15.49 7.66 4.09
C LYS A 59 16.61 8.05 3.08
N THR A 60 17.36 7.08 2.59
CA THR A 60 18.41 7.37 1.63
C THR A 60 17.79 7.97 0.37
N PHE A 61 16.67 7.43 -0.04
CA PHE A 61 15.94 7.94 -1.19
C PHE A 61 15.54 9.39 -1.02
N PHE A 62 15.06 9.81 0.14
CA PHE A 62 14.85 11.22 0.42
C PHE A 62 16.07 11.99 0.95
N GLY A 63 17.26 11.62 0.54
CA GLY A 63 18.38 12.46 0.82
C GLY A 63 18.92 12.35 2.22
N GLY A 64 18.48 11.30 2.91
CA GLY A 64 18.84 11.11 4.30
C GLY A 64 18.12 11.95 5.31
N LEU A 65 17.08 12.68 4.92
CA LEU A 65 16.23 13.41 5.82
C LEU A 65 15.50 12.57 6.87
N GLY A 66 15.20 13.18 8.01
CA GLY A 66 14.38 12.57 9.02
C GLY A 66 15.15 11.65 9.96
N SER A 67 14.37 10.80 10.67
CA SER A 67 14.86 9.87 11.68
C SER A 67 14.17 8.51 11.56
N ILE A 68 14.91 7.50 12.03
CA ILE A 68 14.38 6.16 12.20
C ILE A 68 14.41 5.93 13.71
N LYS A 69 13.24 5.61 14.22
CA LYS A 69 12.98 5.45 15.63
C LYS A 69 12.46 4.04 15.82
N LYS A 70 12.98 3.33 16.78
CA LYS A 70 12.30 2.14 17.26
C LYS A 70 11.12 2.58 18.11
N SER A 71 9.90 2.35 17.61
CA SER A 71 8.62 2.78 18.27
C SER A 71 8.39 1.97 19.56
N GLY A 72 8.41 0.65 19.40
CA GLY A 72 8.59 -0.19 20.56
C GLY A 72 8.72 -1.64 20.18
N ASN A 73 9.47 -2.37 20.99
CA ASN A 73 9.61 -3.84 20.94
C ASN A 73 9.89 -4.48 19.57
N SER A 74 8.95 -4.39 18.63
CA SER A 74 9.15 -5.01 17.31
C SER A 74 8.80 -4.07 16.11
N THR A 75 8.54 -2.77 16.35
CA THR A 75 8.27 -1.83 15.25
C THR A 75 9.31 -0.69 15.17
N PHE A 76 9.33 -0.09 13.97
CA PHE A 76 10.24 1.01 13.58
C PHE A 76 9.47 1.95 12.70
N SER A 77 9.77 3.22 12.87
CA SER A 77 9.17 4.21 12.03
C SER A 77 10.21 5.18 11.43
N TYR A 78 9.98 5.53 10.18
CA TYR A 78 10.71 6.56 9.48
C TYR A 78 9.83 7.82 9.39
N ARG A 79 10.30 8.91 9.98
CA ARG A 79 9.60 10.12 9.88
C ARG A 79 10.44 11.34 9.72
N ILE A 80 9.89 12.24 8.90
CA ILE A 80 10.37 13.57 8.65
C ILE A 80 9.33 14.52 9.24
N GLU A 81 9.76 15.47 10.08
CA GLU A 81 8.84 16.39 10.72
C GLU A 81 9.30 17.86 10.81
N SER A 82 10.34 18.24 10.05
CA SER A 82 10.70 19.64 9.82
C SER A 82 9.84 20.06 8.70
N SER A 83 9.11 21.12 8.88
CA SER A 83 8.31 21.68 7.86
C SER A 83 9.08 22.48 6.77
N GLU A 84 10.25 23.04 7.11
CA GLU A 84 11.14 23.62 6.06
C GLU A 84 11.39 22.52 4.96
N GLN A 85 11.80 21.35 5.44
CA GLN A 85 12.25 20.24 4.61
C GLN A 85 11.12 19.43 3.97
N LEU A 86 9.98 19.38 4.60
CA LEU A 86 8.86 18.82 3.91
C LEU A 86 8.49 19.70 2.70
N THR A 87 8.47 21.01 2.90
CA THR A 87 8.24 21.93 1.83
C THR A 87 9.34 21.94 0.79
N LYS A 88 10.58 21.91 1.18
CA LYS A 88 11.60 21.94 0.16
C LYS A 88 11.74 20.62 -0.67
N ILE A 89 11.61 19.47 -0.03
CA ILE A 89 11.96 18.18 -0.60
C ILE A 89 10.75 17.22 -0.83
N ILE A 90 9.91 17.03 0.17
CA ILE A 90 8.78 16.09 0.01
C ILE A 90 7.65 16.64 -0.90
N LEU A 91 7.27 17.90 -0.74
CA LEU A 91 6.23 18.46 -1.59
C LEU A 91 6.64 18.43 -3.04
N PRO A 92 7.85 18.91 -3.43
CA PRO A 92 8.15 18.85 -4.87
C PRO A 92 8.11 17.45 -5.47
N PHE A 93 8.37 16.45 -4.63
CA PHE A 93 8.36 15.07 -5.07
C PHE A 93 6.97 14.52 -5.39
N PHE A 94 6.10 14.74 -4.44
CA PHE A 94 4.75 14.27 -4.58
C PHE A 94 3.84 15.10 -5.50
N ASP A 95 4.26 16.33 -5.80
CA ASP A 95 3.68 17.15 -6.84
C ASP A 95 4.10 16.76 -8.23
N LYS A 96 5.18 16.01 -8.36
CA LYS A 96 5.70 15.55 -9.61
C LYS A 96 5.36 14.08 -9.82
N TYR A 97 5.68 13.28 -8.81
CA TYR A 97 5.25 11.91 -8.81
C TYR A 97 4.02 11.81 -7.95
N SER A 98 2.85 11.90 -8.59
CA SER A 98 1.59 11.96 -7.87
C SER A 98 1.06 10.62 -7.24
N LEU A 99 0.55 10.71 -6.00
CA LEU A 99 -0.15 9.58 -5.36
C LEU A 99 -1.45 9.38 -6.12
N ILE A 100 -1.97 8.15 -6.11
CA ILE A 100 -3.25 7.91 -6.79
C ILE A 100 -4.42 7.47 -5.97
N THR A 101 -4.20 7.01 -4.75
CA THR A 101 -5.31 6.53 -3.90
C THR A 101 -5.95 7.68 -3.12
N GLU A 102 -6.87 7.34 -2.25
CA GLU A 102 -7.41 8.31 -1.33
C GLU A 102 -6.36 8.97 -0.44
N LYS A 103 -5.23 8.31 -0.26
CA LYS A 103 -4.05 8.91 0.27
C LYS A 103 -3.66 10.24 -0.37
N LEU A 104 -3.88 10.41 -1.65
CA LEU A 104 -3.61 11.66 -2.30
C LEU A 104 -4.48 12.74 -1.66
N GLY A 105 -5.67 12.40 -1.17
CA GLY A 105 -6.51 13.36 -0.47
C GLY A 105 -5.86 13.88 0.77
N ASP A 106 -5.25 12.99 1.51
CA ASP A 106 -4.50 13.30 2.71
C ASP A 106 -3.33 14.19 2.31
N TYR A 107 -2.65 13.88 1.23
CA TYR A 107 -1.46 14.65 0.83
C TYR A 107 -1.79 16.14 0.57
N LEU A 108 -2.93 16.38 -0.04
CA LEU A 108 -3.30 17.74 -0.43
C LEU A 108 -3.70 18.59 0.75
N LEU A 109 -4.18 17.94 1.81
CA LEU A 109 -4.65 18.67 2.99
C LEU A 109 -3.45 18.96 3.89
N PHE A 110 -2.60 17.93 3.95
CA PHE A 110 -1.26 18.01 4.52
C PHE A 110 -0.43 19.18 3.90
N LYS A 111 -0.57 19.38 2.59
CA LYS A 111 0.07 20.46 1.94
C LYS A 111 -0.55 21.83 2.24
N LYS A 112 -1.87 21.92 2.43
CA LYS A 112 -2.43 23.23 2.92
C LYS A 112 -1.94 23.55 4.30
N VAL A 113 -1.79 22.54 5.15
CA VAL A 113 -1.22 22.71 6.46
C VAL A 113 0.20 23.25 6.43
N LEU A 114 1.03 22.68 5.57
CA LEU A 114 2.38 23.22 5.43
C LEU A 114 2.47 24.69 4.90
N GLU A 115 1.57 25.08 3.99
CA GLU A 115 1.57 26.41 3.43
C GLU A 115 1.21 27.42 4.52
N LEU A 116 0.22 27.11 5.36
CA LEU A 116 -0.05 27.88 6.53
C LEU A 116 1.11 27.94 7.55
N MET A 117 1.86 26.87 7.67
CA MET A 117 3.04 26.86 8.47
C MET A 117 4.23 27.66 7.93
N GLY A 118 4.31 27.84 6.62
CA GLY A 118 5.40 28.61 6.03
C GLY A 118 5.15 30.08 6.20
N THR A 119 3.87 30.46 6.16
CA THR A 119 3.46 31.81 6.52
C THR A 119 3.43 32.03 8.02
N LYS A 120 3.57 31.00 8.85
CA LYS A 120 3.52 31.18 10.32
C LYS A 120 2.16 31.52 10.90
N GLU A 121 1.15 31.32 10.06
CA GLU A 121 -0.25 31.52 10.40
C GLU A 121 -0.65 30.49 11.43
N HIS A 122 0.02 29.33 11.42
CA HIS A 122 -0.27 28.27 12.34
C HIS A 122 -0.16 28.66 13.79
N LEU A 123 0.57 29.73 14.09
CA LEU A 123 0.70 30.31 15.43
C LEU A 123 -0.47 31.23 15.86
N THR A 124 -1.34 31.58 14.93
CA THR A 124 -2.51 32.43 15.24
C THR A 124 -3.68 31.54 15.53
N GLN A 125 -4.57 32.01 16.35
CA GLN A 125 -5.79 31.31 16.65
C GLN A 125 -6.49 30.93 15.39
N ARG A 126 -6.65 31.90 14.51
CA ARG A 126 -7.33 31.65 13.26
C ARG A 126 -6.68 30.52 12.42
N GLY A 127 -5.34 30.60 12.29
CA GLY A 127 -4.55 29.66 11.48
C GLY A 127 -4.58 28.27 12.10
N LEU A 128 -4.32 28.24 13.41
CA LEU A 128 -4.61 27.06 14.24
C LEU A 128 -5.97 26.36 13.88
N GLU A 129 -7.06 27.12 13.89
CA GLU A 129 -8.36 26.52 13.60
C GLU A 129 -8.52 25.88 12.23
N LYS A 130 -8.13 26.63 11.19
CA LYS A 130 -8.10 26.14 9.80
C LYS A 130 -7.39 24.83 9.65
N ILE A 131 -6.35 24.67 10.46
CA ILE A 131 -5.51 23.48 10.51
C ILE A 131 -6.19 22.32 11.19
N VAL A 132 -6.90 22.58 12.29
CA VAL A 132 -7.69 21.52 12.93
C VAL A 132 -8.79 21.08 11.94
N SER A 133 -9.25 22.02 11.15
CA SER A 133 -10.22 21.70 10.09
C SER A 133 -9.68 20.76 9.01
N LEU A 134 -8.46 21.03 8.61
CA LEU A 134 -7.78 20.30 7.61
C LEU A 134 -7.45 18.94 8.15
N LYS A 135 -7.12 18.86 9.44
CA LYS A 135 -6.74 17.59 10.14
C LYS A 135 -7.87 16.61 10.30
N ALA A 136 -9.03 17.18 10.66
CA ALA A 136 -10.35 16.50 10.67
C ALA A 136 -10.63 15.73 9.37
N SER A 137 -10.16 16.23 8.23
CA SER A 137 -10.35 15.54 6.97
C SER A 137 -9.26 14.56 6.51
N ILE A 138 -8.14 14.54 7.22
CA ILE A 138 -7.09 13.56 6.93
C ILE A 138 -7.42 12.32 7.66
N ASN A 139 -7.56 11.25 6.89
CA ASN A 139 -7.64 9.90 7.41
C ASN A 139 -8.77 9.71 8.45
N LYS A 140 -8.48 9.36 9.72
CA LYS A 140 -9.54 9.11 10.71
C LYS A 140 -9.90 10.39 11.43
N GLY A 141 -9.11 11.44 11.24
CA GLY A 141 -9.55 12.78 11.60
C GLY A 141 -9.26 13.13 13.03
N LEU A 142 -10.21 13.73 13.70
CA LEU A 142 -9.96 14.27 15.01
C LEU A 142 -10.14 13.29 16.18
N SER A 143 -9.08 13.14 16.99
CA SER A 143 -9.13 12.45 18.31
C SER A 143 -10.23 12.99 19.22
N GLU A 144 -10.64 12.22 20.23
CA GLU A 144 -11.71 12.64 21.11
C GLU A 144 -11.34 13.95 21.89
N GLU A 145 -10.07 14.06 22.28
CA GLU A 145 -9.51 15.23 22.98
C GLU A 145 -9.65 16.46 22.09
N LEU A 146 -9.38 16.29 20.81
CA LEU A 146 -9.33 17.43 19.91
C LEU A 146 -10.70 17.90 19.45
N GLN A 147 -11.60 16.95 19.17
CA GLN A 147 -13.04 17.25 19.03
C GLN A 147 -13.58 18.11 20.20
N ALA A 148 -13.14 17.77 21.41
CA ALA A 148 -13.62 18.42 22.63
C ALA A 148 -13.00 19.79 22.79
N ALA A 149 -11.74 19.96 22.37
CA ALA A 149 -11.09 21.27 22.39
C ALA A 149 -11.56 22.17 21.26
N PHE A 150 -11.97 21.60 20.13
CA PHE A 150 -12.46 22.36 18.99
C PHE A 150 -13.85 21.84 18.59
N PRO A 151 -14.86 21.97 19.49
CA PRO A 151 -16.23 21.50 19.18
C PRO A 151 -16.83 22.23 17.99
N GLN A 152 -16.47 23.51 17.85
CA GLN A 152 -16.93 24.38 16.79
C GLN A 152 -16.22 24.07 15.45
N CYS A 153 -15.82 22.83 15.19
CA CYS A 153 -14.92 22.58 14.09
C CYS A 153 -15.58 21.84 12.98
N VAL A 154 -15.47 22.39 11.77
CA VAL A 154 -16.03 21.79 10.55
C VAL A 154 -14.89 21.17 9.77
N PRO A 155 -14.95 19.85 9.48
CA PRO A 155 -13.83 19.38 8.65
C PRO A 155 -13.79 20.09 7.28
N THR A 156 -12.61 20.20 6.70
CA THR A 156 -12.44 20.73 5.34
C THR A 156 -12.85 19.66 4.34
N PRO A 157 -13.72 20.00 3.37
CA PRO A 157 -14.22 18.86 2.60
C PRO A 157 -13.09 18.40 1.65
N ARG A 158 -12.98 17.08 1.48
CA ARG A 158 -11.95 16.50 0.65
C ARG A 158 -12.19 16.81 -0.84
N PRO A 159 -11.14 17.14 -1.57
CA PRO A 159 -11.42 17.86 -2.82
C PRO A 159 -12.13 17.02 -3.90
N GLU A 160 -12.18 15.68 -3.78
CA GLU A 160 -12.93 14.75 -4.70
C GLU A 160 -12.29 14.77 -6.11
N ILE A 161 -11.07 14.22 -6.25
CA ILE A 161 -10.27 14.31 -7.51
C ILE A 161 -10.49 13.10 -8.43
N ASN A 162 -10.76 13.48 -9.68
CA ASN A 162 -10.50 12.79 -10.95
C ASN A 162 -9.81 11.43 -11.09
N ASN A 163 -10.12 10.83 -12.25
CA ASN A 163 -9.53 9.60 -12.77
C ASN A 163 -8.02 9.60 -12.64
N LYS A 164 -7.54 8.91 -11.63
CA LYS A 164 -6.12 8.78 -11.38
C LYS A 164 -5.69 7.34 -11.71
N ASN A 165 -5.21 7.16 -12.95
CA ASN A 165 -4.68 5.90 -13.47
C ASN A 165 -3.32 5.56 -12.91
N ILE A 166 -3.05 4.25 -12.80
CA ILE A 166 -1.74 3.70 -12.44
C ILE A 166 -0.73 4.36 -13.43
N PRO A 167 0.24 5.19 -12.89
CA PRO A 167 1.22 6.03 -13.67
C PRO A 167 2.46 5.36 -14.28
N ASP A 168 2.84 4.22 -13.73
CA ASP A 168 3.98 3.45 -14.14
C ASP A 168 3.76 2.06 -13.56
N PRO A 169 4.21 1.02 -14.27
CA PRO A 169 4.22 -0.28 -13.56
C PRO A 169 4.99 -0.28 -12.19
N PHE A 170 6.06 0.51 -12.03
CA PHE A 170 6.78 0.46 -10.77
C PHE A 170 5.93 0.88 -9.60
N TRP A 171 4.91 1.70 -9.83
CA TRP A 171 3.93 2.08 -8.80
C TRP A 171 3.23 0.89 -8.20
N LEU A 172 2.77 -0.01 -9.04
CA LEU A 172 1.99 -1.12 -8.58
C LEU A 172 2.84 -2.06 -7.74
N ALA A 173 4.12 -2.17 -8.08
CA ALA A 173 5.10 -2.96 -7.29
C ALA A 173 5.23 -2.41 -5.86
N GLY A 174 5.37 -1.07 -5.81
CA GLY A 174 5.34 -0.37 -4.55
C GLY A 174 4.05 -0.60 -3.81
N PHE A 175 2.95 -0.45 -4.52
CA PHE A 175 1.68 -0.59 -3.89
C PHE A 175 1.44 -1.96 -3.30
N VAL A 176 1.88 -2.98 -4.02
CA VAL A 176 1.61 -4.38 -3.66
C VAL A 176 2.53 -4.76 -2.55
N SER A 177 3.69 -4.14 -2.57
CA SER A 177 4.63 -4.24 -1.45
C SER A 177 4.07 -3.97 -0.05
N GLY A 178 3.13 -3.07 0.13
CA GLY A 178 2.44 -3.00 1.38
C GLY A 178 1.17 -3.80 1.45
N ASP A 179 0.29 -3.60 0.44
CA ASP A 179 -1.13 -4.05 0.48
C ASP A 179 -1.44 -5.45 -0.14
N GLY A 180 -0.39 -6.27 -0.32
CA GLY A 180 -0.41 -7.36 -1.27
C GLY A 180 -0.11 -8.67 -0.61
N SER A 181 -0.61 -9.75 -1.16
CA SER A 181 -0.63 -11.05 -0.46
C SER A 181 -0.44 -12.26 -1.42
N PHE A 182 0.65 -12.98 -1.21
CA PHE A 182 1.04 -14.18 -1.98
C PHE A 182 0.81 -15.41 -1.20
N LYS A 183 -0.26 -16.14 -1.48
CA LYS A 183 -0.69 -17.30 -0.69
C LYS A 183 -0.66 -18.67 -1.39
N SER A 184 -0.53 -19.69 -0.56
CA SER A 184 -0.43 -21.09 -0.99
C SER A 184 -1.20 -21.90 0.05
N ILE A 185 -2.22 -22.64 -0.39
CA ILE A 185 -3.12 -23.45 0.45
C ILE A 185 -2.89 -24.87 -0.02
N LEU A 186 -2.68 -25.78 0.91
CA LEU A 186 -2.65 -27.21 0.58
C LEU A 186 -3.97 -27.90 0.90
N LYS A 187 -4.70 -28.38 -0.10
CA LYS A 187 -5.92 -29.14 0.12
C LYS A 187 -5.75 -30.61 -0.28
N LYS A 188 -6.67 -31.44 0.20
CA LYS A 188 -6.80 -32.82 -0.24
C LYS A 188 -7.14 -32.84 -1.71
N SER A 189 -6.74 -33.90 -2.40
CA SER A 189 -7.18 -34.11 -3.79
C SER A 189 -8.62 -34.58 -3.78
N GLU A 190 -9.30 -34.31 -4.89
CA GLU A 190 -10.67 -34.74 -5.13
C GLU A 190 -10.54 -36.02 -5.97
N SER A 191 -10.32 -37.15 -5.29
CA SER A 191 -9.85 -38.39 -5.96
C SER A 191 -9.99 -39.61 -5.03
N ILE A 192 -9.93 -40.80 -5.62
CA ILE A 192 -9.72 -42.01 -4.85
C ILE A 192 -8.35 -41.90 -4.14
N LYS A 193 -7.25 -41.81 -4.90
CA LYS A 193 -5.93 -41.77 -4.27
C LYS A 193 -5.70 -40.53 -3.42
N VAL A 194 -5.27 -40.80 -2.19
CA VAL A 194 -4.86 -39.78 -1.23
C VAL A 194 -3.77 -39.01 -1.97
N GLY A 195 -4.02 -37.72 -2.21
CA GLY A 195 -2.94 -36.82 -2.60
C GLY A 195 -3.23 -35.40 -2.23
N PHE A 196 -2.32 -34.52 -2.56
CA PHE A 196 -2.43 -33.13 -2.16
C PHE A 196 -2.30 -32.21 -3.34
N GLN A 197 -2.95 -31.06 -3.25
CA GLN A 197 -2.89 -29.99 -4.28
C GLN A 197 -2.56 -28.67 -3.64
N SER A 198 -1.64 -27.93 -4.25
CA SER A 198 -1.27 -26.58 -3.85
C SER A 198 -2.21 -25.72 -4.67
N ILE A 199 -2.87 -24.73 -4.04
CA ILE A 199 -3.57 -23.65 -4.76
C ILE A 199 -2.88 -22.31 -4.44
N LEU A 200 -2.53 -21.56 -5.47
CA LEU A 200 -1.94 -20.30 -5.24
C LEU A 200 -2.95 -19.18 -5.45
N VAL A 201 -2.84 -18.17 -4.60
CA VAL A 201 -3.70 -16.99 -4.66
C VAL A 201 -2.85 -15.78 -4.48
N PHE A 202 -2.88 -14.91 -5.49
CA PHE A 202 -2.49 -13.51 -5.38
C PHE A 202 -3.70 -12.64 -5.08
N GLN A 203 -3.55 -11.77 -4.10
CA GLN A 203 -4.63 -10.91 -3.63
C GLN A 203 -4.19 -9.53 -3.17
N ILE A 204 -4.94 -8.56 -3.66
CA ILE A 204 -4.85 -7.21 -3.15
C ILE A 204 -6.17 -6.86 -2.43
N THR A 205 -6.02 -6.36 -1.20
CA THR A 205 -7.05 -5.88 -0.29
C THR A 205 -7.06 -4.34 -0.26
N GLN A 206 -8.23 -3.71 -0.39
CA GLN A 206 -8.28 -2.24 -0.28
C GLN A 206 -9.69 -1.76 0.14
N HIS A 207 -9.77 -0.58 0.79
CA HIS A 207 -11.05 -0.03 1.16
C HIS A 207 -11.67 0.33 -0.15
N ALA A 208 -13.01 0.28 -0.15
CA ALA A 208 -13.87 0.45 -1.30
C ALA A 208 -13.92 1.89 -1.85
N ARG A 209 -13.28 2.81 -1.17
CA ARG A 209 -13.20 4.20 -1.60
C ARG A 209 -12.21 4.31 -2.75
N ASP A 210 -11.22 3.44 -2.73
CA ASP A 210 -10.38 3.21 -3.89
C ASP A 210 -10.85 2.15 -4.92
N VAL A 211 -12.12 2.10 -5.20
CA VAL A 211 -12.67 1.15 -6.16
C VAL A 211 -12.24 1.30 -7.63
N LYS A 212 -12.22 2.51 -8.15
CA LYS A 212 -11.74 2.71 -9.50
C LYS A 212 -10.33 2.10 -9.69
N LEU A 213 -9.45 2.29 -8.72
CA LEU A 213 -8.14 1.69 -8.85
C LEU A 213 -8.20 0.12 -8.90
N MET A 214 -8.92 -0.42 -7.93
CA MET A 214 -9.12 -1.86 -7.83
C MET A 214 -9.74 -2.51 -9.09
N GLU A 215 -10.87 -2.03 -9.52
CA GLU A 215 -11.42 -2.47 -10.79
C GLU A 215 -10.40 -2.45 -11.99
N SER A 216 -9.58 -1.40 -12.07
CA SER A 216 -8.57 -1.18 -13.12
C SER A 216 -7.37 -2.20 -13.16
N LEU A 217 -7.16 -2.85 -12.02
CA LEU A 217 -6.15 -3.91 -11.94
C LEU A 217 -6.42 -5.09 -12.90
N ILE A 218 -7.67 -5.29 -13.30
CA ILE A 218 -8.01 -6.43 -14.13
C ILE A 218 -7.43 -6.26 -15.55
N SER A 219 -7.55 -5.06 -16.14
CA SER A 219 -6.91 -4.74 -17.45
C SER A 219 -5.42 -4.64 -17.28
N TYR A 220 -4.98 -4.12 -16.14
CA TYR A 220 -3.62 -3.71 -16.00
C TYR A 220 -2.68 -4.92 -15.93
N LEU A 221 -3.11 -5.93 -15.18
CA LEU A 221 -2.39 -7.15 -15.09
C LEU A 221 -2.87 -8.20 -16.10
N GLY A 222 -3.93 -7.92 -16.87
CA GLY A 222 -4.56 -8.91 -17.76
C GLY A 222 -5.20 -10.12 -17.15
N CYS A 223 -5.61 -10.01 -15.88
CA CYS A 223 -6.27 -11.13 -15.19
C CYS A 223 -7.01 -10.72 -13.90
N GLY A 224 -7.69 -11.71 -13.29
CA GLY A 224 -8.24 -11.56 -11.94
C GLY A 224 -9.64 -10.96 -11.90
N PHE A 225 -10.17 -10.92 -10.70
CA PHE A 225 -11.54 -10.49 -10.53
C PHE A 225 -11.69 -9.72 -9.17
N ILE A 226 -12.83 -9.04 -9.02
CA ILE A 226 -13.06 -8.28 -7.84
C ILE A 226 -14.05 -9.03 -7.00
N GLU A 227 -13.85 -8.91 -5.71
CA GLU A 227 -14.75 -9.46 -4.70
C GLU A 227 -14.98 -8.39 -3.61
N LYS A 228 -16.18 -8.30 -3.07
CA LYS A 228 -16.53 -7.36 -2.04
C LYS A 228 -16.94 -8.17 -0.85
N ASP A 229 -16.35 -7.87 0.29
CA ASP A 229 -16.82 -8.43 1.57
C ASP A 229 -18.28 -8.15 1.76
N SER A 230 -19.10 -9.14 2.09
CA SER A 230 -20.52 -8.81 2.26
C SER A 230 -20.83 -8.01 3.50
N ARG A 231 -19.82 -7.76 4.37
CA ARG A 231 -20.05 -7.21 5.69
C ARG A 231 -19.36 -5.88 5.98
N GLY A 232 -18.61 -5.36 5.06
CA GLY A 232 -18.04 -4.06 5.23
C GLY A 232 -17.33 -3.65 3.97
N PRO A 233 -16.76 -2.47 3.96
CA PRO A 233 -16.28 -1.87 2.74
C PRO A 233 -14.90 -2.29 2.30
N TRP A 234 -14.74 -3.57 1.98
CA TRP A 234 -13.44 -4.14 1.62
C TRP A 234 -13.60 -4.78 0.31
N LEU A 235 -12.66 -4.48 -0.58
CA LEU A 235 -12.52 -5.10 -1.89
C LEU A 235 -11.22 -5.92 -2.01
N TYR A 236 -11.34 -7.07 -2.67
CA TYR A 236 -10.25 -7.98 -2.86
C TYR A 236 -10.13 -8.18 -4.32
N TYR A 237 -8.99 -7.78 -4.85
CA TYR A 237 -8.60 -8.17 -6.21
C TYR A 237 -7.86 -9.51 -6.09
N THR A 238 -8.38 -10.54 -6.72
CA THR A 238 -7.90 -11.88 -6.55
C THR A 238 -7.57 -12.44 -7.93
N VAL A 239 -6.42 -13.11 -7.98
CA VAL A 239 -6.02 -14.00 -9.09
C VAL A 239 -5.74 -15.37 -8.52
N THR A 240 -6.49 -16.33 -9.03
CA THR A 240 -6.38 -17.72 -8.66
C THR A 240 -6.12 -18.72 -9.80
N ASN A 241 -6.50 -18.36 -11.04
CA ASN A 241 -6.09 -19.12 -12.24
C ASN A 241 -4.54 -19.36 -12.35
N PHE A 242 -4.15 -20.63 -12.44
CA PHE A 242 -2.73 -20.99 -12.36
C PHE A 242 -1.96 -20.48 -13.59
N SER A 243 -2.55 -20.52 -14.78
CA SER A 243 -1.85 -19.98 -15.95
C SER A 243 -1.63 -18.52 -15.78
N ASP A 244 -2.65 -17.82 -15.32
CA ASP A 244 -2.54 -16.40 -15.17
C ASP A 244 -1.47 -16.09 -14.24
N ILE A 245 -1.33 -16.93 -13.22
CA ILE A 245 -0.31 -16.69 -12.23
C ILE A 245 1.07 -16.93 -12.79
N GLN A 246 1.27 -18.10 -13.37
CA GLN A 246 2.51 -18.40 -14.14
C GLN A 246 2.76 -17.37 -15.24
N GLY A 247 1.75 -17.07 -16.02
CA GLY A 247 1.89 -16.39 -17.22
C GLY A 247 1.86 -14.90 -17.13
N LYS A 248 1.23 -14.35 -16.08
CA LYS A 248 1.09 -12.89 -15.97
C LYS A 248 1.58 -12.30 -14.64
N ILE A 249 1.06 -12.80 -13.50
CA ILE A 249 1.46 -12.27 -12.19
C ILE A 249 2.96 -12.49 -11.88
N ILE A 250 3.43 -13.72 -12.02
CA ILE A 250 4.81 -13.98 -11.74
C ILE A 250 5.77 -13.21 -12.69
N PRO A 251 5.51 -13.15 -14.00
CA PRO A 251 6.35 -12.34 -14.89
C PRO A 251 6.37 -10.84 -14.57
N PHE A 252 5.21 -10.29 -14.32
CA PHE A 252 5.12 -8.86 -13.90
C PHE A 252 6.02 -8.50 -12.73
N PHE A 253 5.92 -9.25 -11.62
CA PHE A 253 6.58 -8.87 -10.39
C PHE A 253 8.03 -9.32 -10.37
N HIS A 254 8.42 -10.18 -11.31
CA HIS A 254 9.82 -10.48 -11.55
C HIS A 254 10.51 -9.33 -12.25
N GLN A 255 9.77 -8.62 -13.05
CA GLN A 255 10.33 -7.45 -13.66
C GLN A 255 10.21 -6.21 -12.78
N TYR A 256 9.08 -6.12 -12.10
CA TYR A 256 8.70 -4.94 -11.41
C TYR A 256 8.49 -5.34 -9.94
N LYS A 257 9.63 -5.27 -9.27
CA LYS A 257 9.84 -6.02 -8.09
C LYS A 257 9.19 -5.42 -6.88
N ILE A 258 8.68 -6.33 -6.07
CA ILE A 258 8.35 -6.07 -4.66
C ILE A 258 9.55 -5.74 -3.80
N ILE A 259 9.31 -4.74 -2.94
CA ILE A 259 10.38 -4.13 -2.14
C ILE A 259 10.10 -4.48 -0.72
N GLY A 260 11.17 -4.57 0.07
CA GLY A 260 10.99 -4.98 1.44
C GLY A 260 10.84 -6.46 1.56
N SER A 261 10.35 -6.84 2.71
CA SER A 261 10.49 -8.20 3.25
C SER A 261 9.80 -9.17 2.39
N LYS A 262 8.65 -8.70 1.95
CA LYS A 262 7.70 -9.40 1.15
C LYS A 262 8.19 -9.88 -0.24
N TYR A 263 9.32 -9.34 -0.70
CA TYR A 263 9.97 -9.90 -1.86
C TYR A 263 10.37 -11.34 -1.61
N GLY A 264 10.78 -11.66 -0.39
CA GLY A 264 11.13 -12.99 0.04
C GLY A 264 10.00 -13.97 -0.07
N ASP A 265 8.79 -13.49 0.18
CA ASP A 265 7.59 -14.34 0.11
C ASP A 265 7.17 -14.64 -1.29
N TYR A 266 7.29 -13.61 -2.13
CA TYR A 266 7.13 -13.70 -3.58
C TYR A 266 8.10 -14.74 -4.07
N GLN A 267 9.36 -14.65 -3.68
CA GLN A 267 10.30 -15.65 -4.12
C GLN A 267 9.91 -17.12 -3.81
N ASP A 268 9.50 -17.34 -2.57
CA ASP A 268 9.07 -18.65 -2.11
C ASP A 268 7.84 -19.15 -2.88
N TRP A 269 6.91 -18.24 -3.08
CA TRP A 269 5.70 -18.42 -3.88
C TRP A 269 5.99 -18.83 -5.33
N CYS A 270 6.96 -18.16 -5.95
CA CYS A 270 7.49 -18.56 -7.25
C CYS A 270 8.10 -19.95 -7.25
N LYS A 271 8.82 -20.27 -6.18
CA LYS A 271 9.42 -21.58 -6.06
C LYS A 271 8.39 -22.70 -5.95
N ILE A 272 7.39 -22.48 -5.12
CA ILE A 272 6.22 -23.35 -5.03
C ILE A 272 5.53 -23.53 -6.39
N ALA A 273 5.34 -22.43 -7.13
CA ALA A 273 4.89 -22.56 -8.55
C ALA A 273 5.74 -23.51 -9.43
N LEU A 274 7.08 -23.49 -9.35
CA LEU A 274 7.90 -24.50 -10.12
C LEU A 274 7.65 -25.92 -9.62
N ILE A 275 7.59 -26.08 -8.32
CA ILE A 275 7.36 -27.38 -7.75
C ILE A 275 5.98 -27.93 -8.11
N MET A 276 4.97 -27.09 -8.15
CA MET A 276 3.63 -27.53 -8.61
C MET A 276 3.63 -28.11 -10.02
N GLN A 277 4.40 -27.47 -10.86
CA GLN A 277 4.45 -27.84 -12.22
C GLN A 277 5.42 -29.05 -12.53
N ASN A 278 6.51 -29.17 -11.77
CA ASN A 278 7.55 -30.22 -11.97
C ASN A 278 7.56 -31.49 -11.13
N LYS A 279 7.04 -31.43 -9.91
CA LYS A 279 7.00 -32.53 -8.97
C LYS A 279 5.54 -32.92 -8.74
N ASN A 280 4.85 -33.32 -9.79
CA ASN A 280 3.47 -33.75 -9.67
C ASN A 280 3.29 -34.96 -10.52
N HIS A 281 2.18 -35.66 -10.34
CA HIS A 281 1.83 -36.69 -11.26
C HIS A 281 0.36 -36.87 -11.36
N LEU A 282 -0.07 -37.56 -12.39
CA LEU A 282 -1.47 -37.65 -12.73
C LEU A 282 -2.25 -38.42 -11.68
N THR A 283 -3.46 -37.95 -11.32
CA THR A 283 -4.41 -38.76 -10.52
C THR A 283 -4.71 -40.03 -11.30
N PRO A 284 -5.19 -41.10 -10.63
CA PRO A 284 -5.65 -42.22 -11.45
C PRO A 284 -6.79 -41.82 -12.41
N GLU A 285 -7.66 -40.90 -12.03
CA GLU A 285 -8.69 -40.44 -12.93
C GLU A 285 -8.10 -39.70 -14.18
N GLY A 286 -7.10 -38.82 -13.95
CA GLY A 286 -6.39 -38.15 -15.04
C GLY A 286 -5.66 -39.11 -15.97
N LEU A 287 -4.96 -40.07 -15.38
CA LEU A 287 -4.30 -41.14 -16.12
C LEU A 287 -5.27 -41.88 -17.08
N ASN A 288 -6.44 -42.22 -16.55
CA ASN A 288 -7.51 -42.85 -17.32
C ASN A 288 -8.00 -42.09 -18.54
N GLU A 289 -8.32 -40.82 -18.38
CA GLU A 289 -8.86 -40.10 -19.48
C GLU A 289 -7.82 -40.00 -20.59
N ILE A 290 -6.57 -39.69 -20.21
CA ILE A 290 -5.45 -39.60 -21.16
C ILE A 290 -5.18 -40.94 -21.80
N ARG A 291 -5.23 -42.03 -21.04
CA ARG A 291 -5.16 -43.37 -21.68
C ARG A 291 -6.23 -43.52 -22.74
N ALA A 292 -7.49 -43.28 -22.43
CA ALA A 292 -8.52 -43.38 -23.44
C ALA A 292 -8.26 -42.48 -24.66
N LEU A 293 -7.90 -41.23 -24.44
CA LEU A 293 -7.61 -40.33 -25.56
C LEU A 293 -6.53 -40.98 -26.45
N LYS A 294 -5.33 -41.30 -25.89
CA LYS A 294 -4.26 -42.05 -26.61
C LYS A 294 -4.70 -43.42 -27.14
N GLY A 295 -5.61 -44.07 -26.42
CA GLY A 295 -6.18 -45.34 -26.83
C GLY A 295 -7.18 -45.19 -27.95
N GLY A 296 -7.27 -43.99 -28.55
CA GLY A 296 -7.87 -43.79 -29.86
C GLY A 296 -7.41 -42.57 -30.66
N MET A 297 -6.30 -41.93 -30.29
CA MET A 297 -5.62 -40.97 -31.18
C MET A 297 -5.12 -41.70 -32.46
N ASN A 298 -5.15 -41.01 -33.61
CA ASN A 298 -4.48 -41.44 -34.86
C ASN A 298 -4.95 -42.77 -35.50
N LYS A 299 -6.26 -42.89 -35.80
CA LYS A 299 -6.79 -44.09 -36.49
C LYS A 299 -6.69 -43.93 -38.00
C5 PG0 B . -2.94 11.97 16.56
O2 PG0 B . -1.78 12.56 15.92
C4 PG0 B . -1.43 12.12 14.57
C3 PG0 B . -2.57 11.95 13.52
O1 PG0 B . -2.35 12.64 12.25
C2 PG0 B . -3.44 13.09 11.40
C1 PG0 B . -4.75 12.27 11.43
OTT PG0 B . -5.74 12.88 12.28
C1 EDO C . 4.36 9.09 19.74
O1 EDO C . 5.62 9.36 19.10
C2 EDO C . 3.51 8.23 18.82
O2 EDO C . 3.57 8.80 17.51
C1 EDO D . 6.71 13.02 -14.24
O1 EDO D . 6.09 12.17 -13.26
C2 EDO D . 8.22 12.86 -14.08
O2 EDO D . 8.64 11.63 -14.67
#